data_6OV1
#
_entry.id   6OV1
#
_cell.length_a   40.386
_cell.length_b   43.467
_cell.length_c   45.837
_cell.angle_alpha   91.110
_cell.angle_beta   114.830
_cell.angle_gamma   110.950
#
_symmetry.space_group_name_H-M   'P 1'
#
loop_
_entity.id
_entity.type
_entity.pdbx_description
1 polymer 'Ribonuclease P protein component'
2 water water
#
_entity_poly.entity_id   1
_entity_poly.type   'polypeptide(L)'
_entity_poly.pdbx_seq_one_letter_code
;MSGSHHHHHHGSSGENLYFQSLMEKAYRIKKNADFQRIYKKGHSVANRQFVVYTCNNKEIDHFRLGISVSKKLGNAVLRN
KIKRAIRENFKVHKSHILAKDIIVIARQAAKDMTTLQIQNSLEHVLKIAKVFNKKIK
;
_entity_poly.pdbx_strand_id   A,B
#
# COMPACT_ATOMS: atom_id res chain seq x y z
N GLU A 15 -15.93 7.61 33.60
CA GLU A 15 -16.42 8.96 33.99
C GLU A 15 -17.17 9.61 32.82
N ASN A 16 -17.50 10.90 32.95
CA ASN A 16 -18.52 11.44 32.08
C ASN A 16 -17.93 11.80 30.72
N LEU A 17 -18.81 12.23 29.81
CA LEU A 17 -18.40 12.50 28.43
C LEU A 17 -17.38 13.63 28.37
N TYR A 18 -17.53 14.62 29.25
CA TYR A 18 -16.60 15.74 29.22
C TYR A 18 -15.17 15.27 29.54
N PHE A 19 -15.01 14.45 30.58
CA PHE A 19 -13.67 14.01 30.98
C PHE A 19 -13.12 12.96 30.02
N GLN A 20 -13.98 12.07 29.51
CA GLN A 20 -13.52 11.18 28.44
C GLN A 20 -12.94 12.01 27.30
N SER A 21 -13.65 13.07 26.88
CA SER A 21 -13.16 13.88 25.77
C SER A 21 -11.89 14.63 26.13
N LEU A 22 -11.74 15.06 27.39
CA LEU A 22 -10.50 15.71 27.80
C LEU A 22 -9.29 14.84 27.45
N MET A 23 -9.31 13.57 27.90
CA MET A 23 -8.13 12.73 27.70
C MET A 23 -7.98 12.35 26.24
N GLU A 24 -9.10 12.06 25.57
CA GLU A 24 -9.03 11.56 24.20
C GLU A 24 -8.61 12.61 23.21
N LYS A 25 -8.89 13.90 23.49
CA LYS A 25 -8.42 14.98 22.64
C LYS A 25 -6.91 14.93 22.46
N ALA A 26 -6.16 14.41 23.44
CA ALA A 26 -4.72 14.38 23.29
C ALA A 26 -4.26 13.40 22.18
N TYR A 27 -5.09 12.41 21.88
CA TYR A 27 -4.78 11.40 20.87
C TYR A 27 -5.28 11.76 19.50
N ARG A 28 -5.67 13.00 19.29
CA ARG A 28 -6.19 13.39 17.99
C ARG A 28 -5.30 14.49 17.39
N ILE A 29 -5.09 14.40 16.10
CA ILE A 29 -4.32 15.39 15.36
C ILE A 29 -5.30 16.40 14.78
N LYS A 30 -5.22 17.63 15.26
CA LYS A 30 -6.12 18.73 14.95
C LYS A 30 -5.52 19.78 14.02
N LYS A 31 -4.21 20.00 14.09
CA LYS A 31 -3.58 21.12 13.39
C LYS A 31 -3.28 20.75 11.94
N ASN A 32 -3.66 21.64 11.00
CA ASN A 32 -3.31 21.40 9.61
C ASN A 32 -1.80 21.37 9.44
N ALA A 33 -1.08 22.18 10.23
CA ALA A 33 0.38 22.15 10.15
C ALA A 33 0.92 20.75 10.44
N ASP A 34 0.28 20.02 11.36
CA ASP A 34 0.73 18.67 11.68
C ASP A 34 0.44 17.71 10.52
N PHE A 35 -0.78 17.79 9.96
CA PHE A 35 -1.10 17.00 8.78
C PHE A 35 -0.06 17.23 7.69
N GLN A 36 0.23 18.50 7.39
CA GLN A 36 1.13 18.77 6.29
C GLN A 36 2.55 18.31 6.60
N ARG A 37 3.03 18.50 7.84
CA ARG A 37 4.34 17.97 8.20
C ARG A 37 4.39 16.46 7.99
N ILE A 38 3.33 15.76 8.35
CA ILE A 38 3.35 14.31 8.29
C ILE A 38 3.32 13.84 6.84
N TYR A 39 2.56 14.53 5.99
CA TYR A 39 2.54 14.19 4.57
C TYR A 39 3.91 14.41 3.94
N LYS A 40 4.63 15.46 4.38
CA LYS A 40 5.92 15.79 3.78
C LYS A 40 7.04 14.89 4.33
N LYS A 41 6.98 14.58 5.64
CA LYS A 41 8.07 13.92 6.32
C LYS A 41 7.80 12.45 6.66
N GLY A 42 6.56 12.03 6.64
CA GLY A 42 6.24 10.69 7.10
C GLY A 42 6.44 9.64 6.04
N HIS A 43 6.30 8.39 6.45
CA HIS A 43 6.28 7.24 5.54
C HIS A 43 4.82 6.86 5.24
N SER A 44 4.56 6.46 3.99
CA SER A 44 3.24 6.06 3.56
C SER A 44 3.17 4.60 3.09
N VAL A 45 1.99 3.99 3.34
CA VAL A 45 1.63 2.69 2.76
C VAL A 45 0.17 2.75 2.34
N ALA A 46 -0.29 1.75 1.56
CA ALA A 46 -1.71 1.72 1.20
C ALA A 46 -2.18 0.33 0.82
N ASN A 47 -3.38 -0.04 1.26
CA ASN A 47 -4.11 -1.14 0.68
C ASN A 47 -5.27 -0.52 -0.11
N ARG A 48 -6.17 -1.37 -0.59
CA ARG A 48 -7.19 -0.86 -1.50
C ARG A 48 -8.12 0.13 -0.82
N GLN A 49 -8.32 0.02 0.48
CA GLN A 49 -9.29 0.87 1.17
C GLN A 49 -8.67 2.06 1.89
N PHE A 50 -7.39 1.99 2.25
CA PHE A 50 -6.80 3.02 3.06
C PHE A 50 -5.38 3.36 2.65
N VAL A 51 -5.05 4.67 2.71
CA VAL A 51 -3.67 5.16 2.75
C VAL A 51 -3.32 5.50 4.20
N VAL A 52 -2.13 5.17 4.62
CA VAL A 52 -1.71 5.49 5.99
C VAL A 52 -0.35 6.17 5.96
N TYR A 53 -0.23 7.28 6.64
CA TYR A 53 1.06 7.98 6.84
C TYR A 53 1.43 7.82 8.30
N THR A 54 2.71 7.59 8.59
CA THR A 54 3.14 7.61 9.98
C THR A 54 4.36 8.48 10.13
N CYS A 55 4.52 9.08 11.32
CA CYS A 55 5.64 9.97 11.53
C CYS A 55 5.93 10.07 13.01
N ASN A 56 7.20 10.11 13.36
CA ASN A 56 7.56 10.32 14.76
C ASN A 56 7.24 11.74 15.16
N ASN A 57 6.81 11.90 16.39
CA ASN A 57 6.60 13.20 17.02
C ASN A 57 7.49 13.20 18.27
N LYS A 58 8.52 14.03 18.24
CA LYS A 58 9.52 14.05 19.29
C LYS A 58 8.98 14.66 20.58
N GLU A 59 7.90 15.41 20.49
CA GLU A 59 7.34 16.08 21.66
C GLU A 59 6.32 15.23 22.38
N ILE A 60 5.95 14.08 21.80
CA ILE A 60 4.80 13.29 22.21
C ILE A 60 5.24 11.84 22.33
N ASP A 61 4.92 11.22 23.45
CA ASP A 61 5.29 9.85 23.73
C ASP A 61 4.13 8.87 23.64
N HIS A 62 3.11 9.21 22.85
CA HIS A 62 1.96 8.36 22.62
C HIS A 62 1.49 8.59 21.20
N PHE A 63 0.70 7.65 20.69
CA PHE A 63 0.22 7.80 19.31
C PHE A 63 -0.84 8.92 19.24
N ARG A 64 -0.98 9.48 18.04
CA ARG A 64 -2.08 10.37 17.73
C ARG A 64 -2.66 9.96 16.39
N LEU A 65 -3.95 10.25 16.21
CA LEU A 65 -4.62 9.85 14.97
C LEU A 65 -5.28 11.05 14.31
N GLY A 66 -5.07 11.20 12.99
CA GLY A 66 -5.81 12.13 12.18
C GLY A 66 -6.46 11.34 11.07
N ILE A 67 -7.64 11.77 10.67
CA ILE A 67 -8.43 11.10 9.66
C ILE A 67 -8.79 12.06 8.54
N SER A 68 -8.74 11.56 7.29
CA SER A 68 -9.15 12.29 6.10
C SER A 68 -10.07 11.35 5.33
N VAL A 69 -11.30 11.80 5.04
CA VAL A 69 -12.24 11.12 4.17
C VAL A 69 -12.66 12.19 3.16
N SER A 70 -12.28 12.02 1.91
CA SER A 70 -12.61 13.01 0.89
C SER A 70 -14.12 13.13 0.74
N LYS A 71 -14.56 14.30 0.23
CA LYS A 71 -15.96 14.49 -0.09
C LYS A 71 -16.38 13.63 -1.28
N LYS A 72 -15.44 13.30 -2.17
CA LYS A 72 -15.74 12.43 -3.29
C LYS A 72 -16.26 11.07 -2.83
N LEU A 73 -16.07 10.71 -1.56
CA LEU A 73 -16.42 9.36 -1.12
C LEU A 73 -17.92 9.13 -1.13
N GLY A 74 -18.71 10.17 -0.90
CA GLY A 74 -20.14 10.02 -0.95
C GLY A 74 -20.79 10.98 0.05
N ASN A 75 -21.89 10.52 0.64
CA ASN A 75 -22.73 11.35 1.47
C ASN A 75 -22.23 11.41 2.91
N ALA A 76 -22.79 12.36 3.67
CA ALA A 76 -22.32 12.61 5.04
C ALA A 76 -22.48 11.37 5.92
N VAL A 77 -23.62 10.69 5.85
CA VAL A 77 -23.80 9.47 6.63
C VAL A 77 -22.67 8.49 6.37
N LEU A 78 -22.26 8.34 5.10
CA LEU A 78 -21.22 7.37 4.79
C LEU A 78 -19.88 7.81 5.37
N ARG A 79 -19.50 9.06 5.12
CA ARG A 79 -18.26 9.60 5.67
C ARG A 79 -18.17 9.40 7.17
N ASN A 80 -19.26 9.74 7.90
CA ASN A 80 -19.30 9.55 9.34
C ASN A 80 -19.18 8.07 9.72
N LYS A 81 -19.74 7.18 8.89
CA LYS A 81 -19.62 5.75 9.19
C LYS A 81 -18.17 5.31 9.10
N ILE A 82 -17.47 5.78 8.06
CA ILE A 82 -16.08 5.42 7.87
C ILE A 82 -15.22 5.99 8.99
N LYS A 83 -15.41 7.28 9.34
CA LYS A 83 -14.68 7.87 10.45
C LYS A 83 -14.93 7.10 11.74
N ARG A 84 -16.19 6.79 12.02
CA ARG A 84 -16.50 6.01 13.22
C ARG A 84 -15.74 4.68 13.21
N ALA A 85 -15.70 3.98 12.06
CA ALA A 85 -15.06 2.68 12.05
C ALA A 85 -13.57 2.82 12.35
N ILE A 86 -12.95 3.89 11.86
CA ILE A 86 -11.54 4.08 12.14
C ILE A 86 -11.32 4.34 13.63
N ARG A 87 -12.04 5.32 14.19
CA ARG A 87 -11.91 5.62 15.60
C ARG A 87 -12.17 4.39 16.46
N GLU A 88 -13.19 3.61 16.11
CA GLU A 88 -13.50 2.41 16.89
C GLU A 88 -12.30 1.46 16.92
N ASN A 89 -11.67 1.24 15.77
CA ASN A 89 -10.52 0.34 15.71
C ASN A 89 -9.37 0.84 16.58
N PHE A 90 -9.13 2.14 16.57
CA PHE A 90 -8.07 2.66 17.44
C PHE A 90 -8.43 2.53 18.92
N LYS A 91 -9.72 2.57 19.27
CA LYS A 91 -10.09 2.33 20.66
C LYS A 91 -9.77 0.89 21.06
N VAL A 92 -10.04 -0.08 20.17
CA VAL A 92 -9.78 -1.48 20.44
C VAL A 92 -8.30 -1.74 20.68
N HIS A 93 -7.43 -0.99 20.01
CA HIS A 93 -6.00 -1.24 20.06
C HIS A 93 -5.22 -0.14 20.74
N LYS A 94 -5.89 0.76 21.46
CA LYS A 94 -5.22 1.90 22.08
C LYS A 94 -3.98 1.47 22.82
N SER A 95 -4.07 0.35 23.54
CA SER A 95 -3.00 -0.05 24.45
C SER A 95 -1.72 -0.47 23.74
N HIS A 96 -1.78 -0.84 22.46
CA HIS A 96 -0.60 -1.41 21.82
C HIS A 96 -0.29 -0.77 20.47
N ILE A 97 -0.67 0.48 20.29
CA ILE A 97 -0.24 1.24 19.11
C ILE A 97 1.06 1.97 19.47
N LEU A 98 2.05 1.87 18.60
CA LEU A 98 3.31 2.54 18.84
C LEU A 98 3.12 4.06 18.85
N ALA A 99 4.04 4.74 19.53
CA ALA A 99 3.93 6.20 19.70
C ALA A 99 4.36 6.89 18.42
N LYS A 100 3.43 6.95 17.45
CA LYS A 100 3.64 7.65 16.20
C LYS A 100 2.43 8.54 15.91
N ASP A 101 2.65 9.65 15.21
CA ASP A 101 1.54 10.38 14.62
C ASP A 101 1.11 9.61 13.36
N ILE A 102 -0.20 9.39 13.23
CA ILE A 102 -0.76 8.50 12.22
C ILE A 102 -1.91 9.22 11.52
N ILE A 103 -1.86 9.26 10.18
CA ILE A 103 -2.99 9.78 9.41
C ILE A 103 -3.57 8.63 8.58
N VAL A 104 -4.85 8.40 8.75
CA VAL A 104 -5.57 7.40 7.99
C VAL A 104 -6.42 8.15 6.98
N ILE A 105 -6.27 7.79 5.70
CA ILE A 105 -7.01 8.40 4.58
C ILE A 105 -7.87 7.29 4.02
N ALA A 106 -9.19 7.47 4.05
CA ALA A 106 -10.10 6.51 3.45
C ALA A 106 -10.09 6.73 1.95
N ARG A 107 -9.97 5.65 1.20
CA ARG A 107 -10.05 5.64 -0.24
C ARG A 107 -11.47 5.33 -0.66
N GLN A 108 -11.78 5.63 -1.93
CA GLN A 108 -13.12 5.43 -2.46
C GLN A 108 -13.64 4.03 -2.16
N ALA A 109 -12.78 3.03 -2.29
CA ALA A 109 -13.14 1.64 -2.12
C ALA A 109 -13.49 1.25 -0.68
N ALA A 110 -13.26 2.11 0.34
CA ALA A 110 -13.68 1.75 1.68
C ALA A 110 -15.18 1.59 1.79
N LYS A 111 -15.93 2.26 0.95
CA LYS A 111 -17.39 2.24 1.02
C LYS A 111 -17.95 0.89 0.62
N ASP A 112 -17.18 0.07 -0.09
CA ASP A 112 -17.67 -1.19 -0.60
C ASP A 112 -17.53 -2.32 0.41
N MET A 113 -17.10 -2.02 1.64
CA MET A 113 -16.88 -3.05 2.64
C MET A 113 -17.95 -3.01 3.71
N THR A 114 -18.17 -4.17 4.35
CA THR A 114 -19.03 -4.23 5.52
C THR A 114 -18.26 -3.69 6.74
N THR A 115 -18.98 -3.54 7.86
CA THR A 115 -18.33 -3.03 9.06
C THR A 115 -17.25 -3.98 9.55
N LEU A 116 -17.51 -5.29 9.47
CA LEU A 116 -16.48 -6.27 9.82
C LEU A 116 -15.30 -6.17 8.87
N GLN A 117 -15.56 -6.06 7.58
CA GLN A 117 -14.48 -6.03 6.61
C GLN A 117 -13.62 -4.81 6.81
N ILE A 118 -14.21 -3.68 7.14
CA ILE A 118 -13.41 -2.46 7.17
C ILE A 118 -12.49 -2.51 8.39
N GLN A 119 -12.92 -3.16 9.47
CA GLN A 119 -12.05 -3.34 10.62
C GLN A 119 -10.88 -4.22 10.27
N ASN A 120 -11.11 -5.28 9.50
CA ASN A 120 -10.03 -6.18 9.14
C ASN A 120 -9.07 -5.46 8.21
N SER A 121 -9.62 -4.68 7.28
CA SER A 121 -8.77 -3.91 6.37
C SER A 121 -7.90 -2.92 7.12
N LEU A 122 -8.47 -2.23 8.11
CA LEU A 122 -7.71 -1.29 8.92
C LEU A 122 -6.58 -1.97 9.69
N GLU A 123 -6.90 -3.07 10.36
CA GLU A 123 -5.86 -3.81 11.05
C GLU A 123 -4.76 -4.23 10.09
N HIS A 124 -5.11 -4.64 8.88
CA HIS A 124 -4.09 -5.08 7.95
C HIS A 124 -3.15 -3.92 7.58
N VAL A 125 -3.75 -2.78 7.23
CA VAL A 125 -2.95 -1.64 6.75
C VAL A 125 -2.06 -1.13 7.88
N LEU A 126 -2.60 -1.13 9.10
CA LEU A 126 -1.82 -0.63 10.22
C LEU A 126 -0.67 -1.58 10.56
N LYS A 127 -0.84 -2.89 10.32
CA LYS A 127 0.30 -3.81 10.42
C LYS A 127 1.35 -3.52 9.36
N ILE A 128 0.92 -3.24 8.12
CA ILE A 128 1.89 -2.93 7.06
C ILE A 128 2.68 -1.68 7.43
N ALA A 129 1.99 -0.71 8.02
CA ALA A 129 2.60 0.54 8.42
C ALA A 129 3.50 0.36 9.62
N LYS A 130 3.56 -0.83 10.21
CA LYS A 130 4.46 -1.13 11.33
C LYS A 130 4.11 -0.35 12.57
N VAL A 131 2.84 -0.07 12.78
CA VAL A 131 2.39 0.59 14.00
C VAL A 131 1.56 -0.44 14.76
N PHE A 132 2.09 -0.89 15.89
CA PHE A 132 1.64 -2.06 16.64
C PHE A 132 2.86 -2.69 17.32
N GLU B 15 13.98 -25.26 -24.61
CA GLU B 15 14.06 -24.16 -25.56
C GLU B 15 15.32 -23.34 -25.30
N ASN B 16 15.96 -22.86 -26.35
CA ASN B 16 17.19 -22.08 -26.16
C ASN B 16 16.84 -20.68 -25.67
N LEU B 17 17.86 -19.89 -25.37
CA LEU B 17 17.65 -18.57 -24.79
C LEU B 17 16.92 -17.66 -25.76
N TYR B 18 17.15 -17.82 -27.06
CA TYR B 18 16.46 -16.98 -28.01
C TYR B 18 14.95 -17.21 -27.96
N PHE B 19 14.53 -18.48 -28.00
CA PHE B 19 13.10 -18.78 -28.02
C PHE B 19 12.46 -18.50 -26.67
N GLN B 20 13.18 -18.75 -25.58
CA GLN B 20 12.67 -18.33 -24.27
C GLN B 20 12.39 -16.83 -24.25
N SER B 21 13.32 -16.05 -24.79
CA SER B 21 13.17 -14.60 -24.83
C SER B 21 11.99 -14.16 -25.68
N LEU B 22 11.79 -14.80 -26.83
CA LEU B 22 10.66 -14.45 -27.68
C LEU B 22 9.35 -14.58 -26.91
N MET B 23 9.15 -15.70 -26.21
CA MET B 23 7.91 -15.87 -25.45
C MET B 23 7.83 -14.85 -24.32
N GLU B 24 8.92 -14.69 -23.56
CA GLU B 24 8.88 -13.89 -22.35
C GLU B 24 8.70 -12.41 -22.63
N LYS B 25 9.15 -11.93 -23.79
CA LYS B 25 9.01 -10.52 -24.10
C LYS B 25 7.55 -10.10 -24.20
N ALA B 26 6.64 -11.04 -24.50
CA ALA B 26 5.24 -10.67 -24.59
C ALA B 26 4.67 -10.25 -23.24
N TYR B 27 5.25 -10.75 -22.18
CA TYR B 27 4.82 -10.50 -20.81
C TYR B 27 5.55 -9.30 -20.21
N ARG B 28 6.30 -8.55 -21.00
CA ARG B 28 7.01 -7.38 -20.47
C ARG B 28 6.36 -6.10 -20.99
N ILE B 29 6.21 -5.12 -20.12
CA ILE B 29 5.78 -3.78 -20.51
C ILE B 29 7.03 -2.97 -20.82
N LYS B 30 7.12 -2.46 -22.03
CA LYS B 30 8.33 -1.78 -22.51
C LYS B 30 8.11 -0.31 -22.80
N LYS B 31 6.95 0.06 -23.35
CA LYS B 31 6.75 1.43 -23.83
C LYS B 31 6.59 2.42 -22.69
N ASN B 32 7.29 3.56 -22.79
CA ASN B 32 7.05 4.63 -21.84
C ASN B 32 5.58 5.04 -21.83
N ALA B 33 4.92 4.94 -23.01
CA ALA B 33 3.51 5.29 -23.12
C ALA B 33 2.66 4.39 -22.23
N ASP B 34 3.01 3.11 -22.12
CA ASP B 34 2.22 2.19 -21.29
C ASP B 34 2.42 2.50 -19.82
N PHE B 35 3.67 2.75 -19.41
CA PHE B 35 3.92 3.15 -18.03
C PHE B 35 3.05 4.36 -17.67
N GLN B 36 3.20 5.44 -18.47
CA GLN B 36 2.43 6.66 -18.22
C GLN B 36 0.93 6.38 -18.14
N ARG B 37 0.39 5.59 -19.09
CA ARG B 37 -1.03 5.27 -19.04
C ARG B 37 -1.38 4.46 -17.78
N ILE B 38 -0.56 3.50 -17.42
CA ILE B 38 -0.92 2.68 -16.26
C ILE B 38 -0.90 3.55 -14.99
N TYR B 39 0.06 4.46 -14.89
CA TYR B 39 0.12 5.36 -13.75
C TYR B 39 -1.10 6.27 -13.69
N LYS B 40 -1.58 6.72 -14.85
CA LYS B 40 -2.73 7.62 -14.89
C LYS B 40 -4.01 6.88 -14.57
N LYS B 41 -4.20 5.68 -15.11
CA LYS B 41 -5.50 5.03 -15.07
C LYS B 41 -5.59 3.87 -14.07
N GLY B 42 -4.47 3.29 -13.67
CA GLY B 42 -4.51 2.10 -12.84
C GLY B 42 -4.82 2.41 -11.39
N HIS B 43 -5.09 1.34 -10.63
CA HIS B 43 -5.19 1.39 -9.19
C HIS B 43 -3.82 1.10 -8.59
N SER B 44 -3.52 1.70 -7.43
CA SER B 44 -2.23 1.51 -6.81
C SER B 44 -2.39 1.06 -5.36
N VAL B 45 -1.41 0.27 -4.89
CA VAL B 45 -1.26 -0.06 -3.46
C VAL B 45 0.23 -0.03 -3.13
N ALA B 46 0.54 -0.09 -1.81
CA ALA B 46 1.96 -0.07 -1.46
C ALA B 46 2.19 -0.67 -0.08
N ASN B 47 3.22 -1.51 0.02
CA ASN B 47 3.76 -1.83 1.35
C ASN B 47 5.08 -1.06 1.49
N ARG B 48 5.86 -1.38 2.52
CA ARG B 48 7.02 -0.55 2.78
C ARG B 48 8.12 -0.71 1.72
N GLN B 49 8.15 -1.84 1.02
CA GLN B 49 9.17 -2.10 0.04
C GLN B 49 8.74 -1.84 -1.41
N PHE B 50 7.44 -1.84 -1.70
CA PHE B 50 6.94 -1.81 -3.06
C PHE B 50 5.69 -0.98 -3.23
N VAL B 51 5.62 -0.27 -4.34
CA VAL B 51 4.36 0.26 -4.88
C VAL B 51 3.99 -0.58 -6.08
N VAL B 52 2.71 -0.91 -6.19
CA VAL B 52 2.22 -1.73 -7.30
C VAL B 52 1.03 -1.03 -7.94
N TYR B 53 1.07 -0.89 -9.26
CA TYR B 53 -0.07 -0.40 -10.01
C TYR B 53 -0.58 -1.55 -10.85
N THR B 54 -1.90 -1.63 -11.00
CA THR B 54 -2.50 -2.59 -11.93
C THR B 54 -3.48 -1.87 -12.84
N CYS B 55 -3.62 -2.41 -14.06
CA CYS B 55 -4.61 -1.86 -14.98
C CYS B 55 -5.06 -2.93 -15.95
N ASN B 56 -6.32 -2.92 -16.33
CA ASN B 56 -6.74 -3.83 -17.39
C ASN B 56 -6.16 -3.39 -18.71
N ASN B 57 -5.81 -4.37 -19.55
CA ASN B 57 -5.49 -4.13 -20.95
C ASN B 57 -6.50 -4.91 -21.79
N LYS B 58 -7.29 -4.18 -22.56
CA LYS B 58 -8.36 -4.79 -23.33
C LYS B 58 -7.85 -5.64 -24.48
N GLU B 59 -6.64 -5.35 -24.96
CA GLU B 59 -6.09 -6.00 -26.15
C GLU B 59 -5.20 -7.17 -25.80
N ILE B 60 -5.08 -7.49 -24.51
CA ILE B 60 -4.16 -8.52 -24.01
C ILE B 60 -4.90 -9.36 -22.98
N ASP B 61 -4.88 -10.69 -23.16
CA ASP B 61 -5.55 -11.60 -22.25
C ASP B 61 -4.56 -12.43 -21.44
N HIS B 62 -3.36 -11.87 -21.21
CA HIS B 62 -2.40 -12.39 -20.25
C HIS B 62 -1.79 -11.22 -19.51
N PHE B 63 -1.12 -11.50 -18.40
CA PHE B 63 -0.52 -10.42 -17.64
C PHE B 63 0.73 -9.90 -18.35
N ARG B 64 1.12 -8.68 -17.99
CA ARG B 64 2.42 -8.14 -18.36
C ARG B 64 2.99 -7.42 -17.16
N LEU B 65 4.32 -7.37 -17.09
CA LEU B 65 5.01 -6.84 -15.94
C LEU B 65 5.97 -5.73 -16.38
N GLY B 66 5.95 -4.62 -15.65
CA GLY B 66 6.94 -3.59 -15.85
C GLY B 66 7.54 -3.30 -14.49
N ILE B 67 8.80 -2.93 -14.51
CA ILE B 67 9.52 -2.75 -13.27
C ILE B 67 10.17 -1.40 -13.26
N SER B 68 10.12 -0.73 -12.11
CA SER B 68 10.88 0.51 -11.93
C SER B 68 11.65 0.41 -10.63
N VAL B 69 12.96 0.66 -10.68
CA VAL B 69 13.84 0.61 -9.53
C VAL B 69 14.67 1.91 -9.63
N SER B 70 14.23 2.95 -8.94
CA SER B 70 14.89 4.25 -9.05
C SER B 70 16.38 4.13 -8.77
N LYS B 71 17.18 4.87 -9.53
CA LYS B 71 18.60 4.95 -9.23
C LYS B 71 18.88 5.61 -7.89
N LYS B 72 17.84 6.06 -7.17
CA LYS B 72 18.02 6.42 -5.77
C LYS B 72 18.76 5.33 -5.01
N LEU B 73 18.46 4.05 -5.31
CA LEU B 73 19.24 2.97 -4.73
C LEU B 73 20.67 2.97 -5.28
N GLY B 74 20.84 3.31 -6.55
CA GLY B 74 22.13 3.78 -7.02
C GLY B 74 23.17 2.74 -7.40
N ASN B 75 23.29 1.68 -6.61
CA ASN B 75 24.28 0.63 -6.87
C ASN B 75 23.72 -0.33 -7.93
N ALA B 76 24.44 -0.47 -9.06
CA ALA B 76 23.92 -1.26 -10.17
C ALA B 76 23.74 -2.73 -9.79
N VAL B 77 24.65 -3.26 -8.97
CA VAL B 77 24.48 -4.64 -8.50
C VAL B 77 23.18 -4.75 -7.72
N LEU B 78 22.90 -3.76 -6.87
CA LEU B 78 21.71 -3.81 -6.03
C LEU B 78 20.45 -3.70 -6.89
N ARG B 79 20.40 -2.72 -7.78
CA ARG B 79 19.25 -2.58 -8.66
C ARG B 79 19.00 -3.86 -9.44
N ASN B 80 20.05 -4.50 -9.96
CA ASN B 80 19.87 -5.74 -10.70
C ASN B 80 19.40 -6.88 -9.80
N LYS B 81 19.84 -6.90 -8.54
CA LYS B 81 19.37 -7.93 -7.63
C LYS B 81 17.88 -7.77 -7.37
N ILE B 82 17.44 -6.53 -7.24
CA ILE B 82 16.01 -6.29 -6.96
C ILE B 82 15.18 -6.64 -8.17
N LYS B 83 15.63 -6.26 -9.37
CA LYS B 83 14.89 -6.56 -10.59
C LYS B 83 14.78 -8.07 -10.79
N ARG B 84 15.87 -8.78 -10.52
CA ARG B 84 15.87 -10.23 -10.68
C ARG B 84 14.90 -10.85 -9.70
N ALA B 85 14.84 -10.31 -8.47
CA ALA B 85 13.96 -10.90 -7.47
C ALA B 85 12.51 -10.77 -7.88
N ILE B 86 12.17 -9.64 -8.50
CA ILE B 86 10.81 -9.43 -8.96
C ILE B 86 10.49 -10.33 -10.15
N ARG B 87 11.40 -10.36 -11.14
CA ARG B 87 11.20 -11.18 -12.33
C ARG B 87 11.04 -12.64 -11.93
N GLU B 88 11.87 -13.11 -11.00
CA GLU B 88 11.86 -14.51 -10.61
C GLU B 88 10.54 -14.88 -9.94
N ASN B 89 9.95 -13.94 -9.17
CA ASN B 89 8.69 -14.22 -8.50
C ASN B 89 7.56 -14.38 -9.49
N PHE B 90 7.50 -13.50 -10.49
CA PHE B 90 6.52 -13.68 -11.56
C PHE B 90 6.74 -14.97 -12.37
N LYS B 91 7.99 -15.43 -12.52
CA LYS B 91 8.21 -16.73 -13.13
C LYS B 91 7.58 -17.85 -12.31
N VAL B 92 7.75 -17.78 -10.99
CA VAL B 92 7.23 -18.83 -10.11
C VAL B 92 5.71 -18.84 -10.16
N HIS B 93 5.09 -17.67 -10.05
CA HIS B 93 3.65 -17.55 -9.92
C HIS B 93 2.94 -17.27 -11.23
N LYS B 94 3.64 -17.41 -12.37
CA LYS B 94 3.02 -17.17 -13.68
C LYS B 94 1.60 -17.71 -13.79
N SER B 95 1.38 -18.99 -13.45
CA SER B 95 0.08 -19.60 -13.69
C SER B 95 -1.02 -19.00 -12.83
N HIS B 96 -0.65 -18.30 -11.76
CA HIS B 96 -1.59 -17.75 -10.79
C HIS B 96 -1.85 -16.25 -10.97
N ILE B 97 -1.36 -15.62 -12.01
CA ILE B 97 -1.49 -14.17 -12.14
C ILE B 97 -2.63 -13.85 -13.09
N LEU B 98 -3.50 -12.93 -12.67
CA LEU B 98 -4.61 -12.49 -13.48
C LEU B 98 -4.12 -11.63 -14.64
N ALA B 99 -4.91 -11.56 -15.71
CA ALA B 99 -4.52 -10.82 -16.91
C ALA B 99 -4.70 -9.32 -16.72
N LYS B 100 -3.71 -8.72 -16.06
CA LYS B 100 -3.61 -7.28 -15.87
C LYS B 100 -2.19 -6.81 -16.20
N ASP B 101 -2.08 -5.56 -16.63
CA ASP B 101 -0.80 -4.89 -16.73
C ASP B 101 -0.40 -4.45 -15.32
N ILE B 102 0.79 -4.85 -14.90
CA ILE B 102 1.25 -4.70 -13.53
C ILE B 102 2.59 -3.95 -13.55
N ILE B 103 2.69 -2.84 -12.82
CA ILE B 103 3.98 -2.19 -12.63
C ILE B 103 4.36 -2.33 -11.16
N VAL B 104 5.55 -2.86 -10.90
CA VAL B 104 6.13 -2.99 -9.57
C VAL B 104 7.23 -1.93 -9.44
N ILE B 105 7.09 -1.06 -8.45
CA ILE B 105 8.09 -0.03 -8.17
C ILE B 105 8.79 -0.43 -6.89
N ALA B 106 10.09 -0.59 -6.93
CA ALA B 106 10.82 -0.86 -5.70
C ALA B 106 11.09 0.47 -4.97
N ARG B 107 10.74 0.50 -3.70
CA ARG B 107 11.02 1.63 -2.85
C ARG B 107 12.40 1.47 -2.24
N GLN B 108 12.90 2.56 -1.67
CA GLN B 108 14.26 2.53 -1.15
C GLN B 108 14.44 1.42 -0.12
N ALA B 109 13.40 1.14 0.66
CA ALA B 109 13.45 0.14 1.72
C ALA B 109 13.53 -1.29 1.23
N ALA B 110 13.32 -1.56 -0.05
CA ALA B 110 13.53 -2.91 -0.53
C ALA B 110 14.96 -3.39 -0.33
N LYS B 111 15.93 -2.47 -0.31
CA LYS B 111 17.33 -2.86 -0.15
C LYS B 111 17.63 -3.43 1.23
N ASP B 112 16.75 -3.22 2.20
CA ASP B 112 17.04 -3.62 3.57
C ASP B 112 16.58 -5.05 3.84
N MET B 113 16.04 -5.71 2.83
CA MET B 113 15.55 -7.07 3.02
C MET B 113 16.51 -8.09 2.43
N THR B 114 16.46 -9.29 2.99
CA THR B 114 17.13 -10.42 2.42
C THR B 114 16.37 -10.93 1.20
N THR B 115 17.02 -11.86 0.50
CA THR B 115 16.39 -12.47 -0.68
C THR B 115 15.08 -13.12 -0.30
N LEU B 116 15.06 -13.92 0.77
CA LEU B 116 13.80 -14.53 1.17
C LEU B 116 12.77 -13.48 1.59
N GLN B 117 13.22 -12.44 2.30
CA GLN B 117 12.26 -11.45 2.79
C GLN B 117 11.63 -10.70 1.64
N ILE B 118 12.41 -10.40 0.61
CA ILE B 118 11.88 -9.54 -0.44
C ILE B 118 10.91 -10.33 -1.29
N GLN B 119 11.07 -11.65 -1.35
CA GLN B 119 10.09 -12.50 -2.02
C GLN B 119 8.75 -12.46 -1.26
N ASN B 120 8.82 -12.52 0.07
CA ASN B 120 7.60 -12.54 0.86
C ASN B 120 6.90 -11.20 0.81
N SER B 121 7.67 -10.13 0.78
CA SER B 121 7.08 -8.79 0.66
C SER B 121 6.38 -8.62 -0.68
N LEU B 122 7.02 -9.05 -1.75
CA LEU B 122 6.40 -8.95 -3.06
C LEU B 122 5.10 -9.76 -3.12
N GLU B 123 5.14 -11.00 -2.62
CA GLU B 123 3.93 -11.82 -2.60
C GLU B 123 2.82 -11.13 -1.83
N HIS B 124 3.17 -10.45 -0.75
CA HIS B 124 2.16 -9.78 0.06
C HIS B 124 1.53 -8.60 -0.67
N VAL B 125 2.35 -7.71 -1.24
CA VAL B 125 1.80 -6.53 -1.92
C VAL B 125 1.01 -6.96 -3.15
N LEU B 126 1.43 -8.05 -3.82
CA LEU B 126 0.69 -8.54 -4.99
C LEU B 126 -0.67 -9.10 -4.58
N LYS B 127 -0.74 -9.70 -3.40
CA LYS B 127 -2.03 -10.14 -2.86
C LYS B 127 -2.93 -8.94 -2.61
N ILE B 128 -2.40 -7.86 -2.00
CA ILE B 128 -3.24 -6.71 -1.72
C ILE B 128 -3.60 -5.97 -2.99
N ALA B 129 -2.77 -6.12 -4.02
CA ALA B 129 -3.11 -5.55 -5.31
C ALA B 129 -4.09 -6.44 -6.09
N LYS B 130 -4.47 -7.60 -5.55
CA LYS B 130 -5.51 -8.45 -6.08
C LYS B 130 -5.11 -9.01 -7.44
N VAL B 131 -3.82 -9.34 -7.59
CA VAL B 131 -3.31 -9.76 -8.88
C VAL B 131 -3.34 -11.29 -9.05
N PHE B 132 -3.62 -12.06 -8.00
CA PHE B 132 -3.60 -13.51 -8.12
C PHE B 132 -5.00 -14.08 -8.33
N ASN B 133 -5.13 -15.06 -9.26
CA ASN B 133 -6.41 -15.67 -9.53
C ASN B 133 -6.77 -16.74 -8.49
N LYS B 134 -5.79 -17.19 -7.72
CA LYS B 134 -6.00 -18.11 -6.61
C LYS B 134 -4.87 -17.83 -5.62
N LYS B 135 -5.17 -17.97 -4.34
CA LYS B 135 -4.17 -17.66 -3.33
C LYS B 135 -2.91 -18.50 -3.55
N ILE B 136 -1.75 -17.85 -3.53
CA ILE B 136 -0.50 -18.58 -3.71
C ILE B 136 0.05 -19.12 -2.40
N LYS B 137 -0.54 -18.77 -1.27
CA LYS B 137 -0.09 -19.31 0.01
C LYS B 137 -1.20 -19.18 1.03
#